data_7IES
#
_entry.id   7IES
#
_cell.length_a   45.280
_cell.length_b   72.780
_cell.length_c   52.520
_cell.angle_alpha   90.00
_cell.angle_beta   109.23
_cell.angle_gamma   90.00
#
_symmetry.space_group_name_H-M   'P 1 21 1'
#
loop_
_entity.id
_entity.type
_entity.pdbx_description
1 polymer Endothiapepsin
2 non-polymer 2-[(1S)-2,2-difluorocyclopentyl]ethan-1-amine
3 non-polymer 'DIMETHYL SULFOXIDE'
4 non-polymer GLYCEROL
5 water water
#
_entity_poly.entity_id   1
_entity_poly.type   'polypeptide(L)'
_entity_poly.pdbx_seq_one_letter_code
;STGSATTTPIDSLDDAYITPVQIGTPAQTLNLDFDTGSSDLWVFSSETTASEVDGQTIYTPSKSTTAKLLSGATWSISYG
DGSSSSGDVYTDTVSVGGLTVTGQAVESAKKVSSSFTEDSTIDGLLGLAFSTLNTVSPTQQKTFFDNAKASLDSPVFTAD
LGYHAPGTYNFGFIDTTAYTGSITYTAVSTKQGFWEWTSTGYAVGSGTFKSTSIDGIADTGTTLLYLPATVVSAYWAQVS
GAKSSSSVGGYVFPCSATLPSFTFGVGSARIVIPGDYIDFGPISTGSSSCFGGIQSSAGIGINIFGDVALKAAFVVFNGA
TTPTLGFASK
;
_entity_poly.pdbx_strand_id   A
#
loop_
_chem_comp.id
_chem_comp.type
_chem_comp.name
_chem_comp.formula
A1CDX non-polymer 2-[(1S)-2,2-difluorocyclopentyl]ethan-1-amine 'C7 H13 F2 N'
DMS non-polymer 'DIMETHYL SULFOXIDE' 'C2 H6 O S'
GOL non-polymer GLYCEROL 'C3 H8 O3'
#
# COMPACT_ATOMS: atom_id res chain seq x y z
N SER A 1 -21.57 -0.96 -11.07
CA SER A 1 -20.66 0.20 -11.32
C SER A 1 -19.22 -0.24 -11.32
N THR A 2 -18.34 0.62 -11.84
CA THR A 2 -16.89 0.44 -11.76
C THR A 2 -16.24 1.80 -11.53
N GLY A 3 -14.96 1.75 -11.15
CA GLY A 3 -14.12 2.93 -11.15
C GLY A 3 -12.72 2.57 -11.63
N SER A 4 -12.00 3.57 -12.14
CA SER A 4 -10.62 3.35 -12.61
C SER A 4 -9.86 4.65 -12.42
N ALA A 5 -8.77 4.60 -11.65
CA ALA A 5 -7.98 5.79 -11.38
C ALA A 5 -6.50 5.48 -11.55
N THR A 6 -5.77 6.46 -12.06
CA THR A 6 -4.32 6.33 -12.20
C THR A 6 -3.66 6.66 -10.88
N THR A 7 -2.64 5.87 -10.52
CA THR A 7 -1.85 6.09 -9.34
C THR A 7 -0.42 6.41 -9.77
N THR A 8 0.19 7.39 -9.13
CA THR A 8 1.44 8.00 -9.60
C THR A 8 2.49 7.99 -8.50
N PRO A 9 3.73 7.55 -8.76
CA PRO A 9 4.75 7.62 -7.71
CA PRO A 9 4.76 7.62 -7.72
C PRO A 9 4.98 9.05 -7.26
N ILE A 10 5.21 9.23 -5.95
CA ILE A 10 5.43 10.56 -5.41
C ILE A 10 6.83 11.09 -5.69
N ASP A 11 7.76 10.22 -6.06
CA ASP A 11 9.15 10.62 -6.25
C ASP A 11 9.82 9.61 -7.17
N SER A 12 11.10 9.84 -7.44
CA SER A 12 11.84 9.06 -8.41
C SER A 12 12.17 7.66 -7.90
N LEU A 13 11.92 7.38 -6.63
CA LEU A 13 12.21 6.08 -6.02
C LEU A 13 10.98 5.21 -5.86
N ASP A 14 9.79 5.70 -6.20
CA ASP A 14 8.54 5.00 -5.89
C ASP A 14 8.37 4.82 -4.38
N ASP A 15 8.68 5.85 -3.60
CA ASP A 15 8.54 5.71 -2.15
C ASP A 15 7.09 5.51 -1.72
N ALA A 16 6.14 6.01 -2.52
CA ALA A 16 4.72 5.78 -2.30
C ALA A 16 4.03 6.21 -3.59
N TYR A 17 2.75 5.95 -3.65
CA TYR A 17 1.93 6.27 -4.81
C TYR A 17 0.71 7.07 -4.36
N ILE A 18 0.34 8.07 -5.16
CA ILE A 18 -0.83 8.90 -4.87
C ILE A 18 -1.86 8.77 -5.97
N THR A 19 -3.14 8.79 -5.56
CA THR A 19 -4.25 8.62 -6.45
C THR A 19 -5.25 9.74 -6.16
N PRO A 20 -5.73 10.45 -7.17
CA PRO A 20 -6.67 11.55 -6.93
C PRO A 20 -8.03 11.01 -6.53
N VAL A 21 -8.62 11.68 -5.53
CA VAL A 21 -9.89 11.31 -4.93
C VAL A 21 -10.73 12.58 -4.80
N GLN A 22 -11.98 12.50 -5.26
CA GLN A 22 -12.91 13.62 -5.17
C GLN A 22 -13.73 13.51 -3.88
N ILE A 23 -13.71 14.54 -3.07
CA ILE A 23 -14.45 14.54 -1.80
C ILE A 23 -15.35 15.76 -1.77
N GLY A 24 -16.63 15.55 -1.46
CA GLY A 24 -17.53 16.66 -1.22
C GLY A 24 -18.20 17.22 -2.48
N THR A 25 -19.02 18.24 -2.23
CA THR A 25 -19.80 18.92 -3.28
C THR A 25 -19.69 20.42 -3.08
N PRO A 26 -19.16 21.17 -4.04
CA PRO A 26 -18.45 20.72 -5.24
C PRO A 26 -17.24 19.90 -4.85
N ALA A 27 -16.72 19.14 -5.79
CA ALA A 27 -15.62 18.24 -5.49
C ALA A 27 -14.40 19.00 -5.00
N GLN A 28 -13.75 18.45 -4.00
CA GLN A 28 -12.41 18.82 -3.58
C GLN A 28 -11.51 17.63 -3.87
N THR A 29 -10.52 17.80 -4.74
CA THR A 29 -9.68 16.70 -5.15
C THR A 29 -8.42 16.68 -4.29
N LEU A 30 -8.21 15.57 -3.58
CA LEU A 30 -7.04 15.36 -2.77
C LEU A 30 -6.31 14.13 -3.30
N ASN A 31 -4.99 14.12 -3.14
CA ASN A 31 -4.17 13.01 -3.62
C ASN A 31 -3.84 12.10 -2.44
N LEU A 32 -4.46 10.92 -2.43
CA LEU A 32 -4.40 10.03 -1.29
C LEU A 32 -3.52 8.81 -1.58
N ASP A 33 -2.94 8.30 -0.51
CA ASP A 33 -2.10 7.09 -0.54
C ASP A 33 -3.03 5.92 -0.27
N PHE A 34 -3.35 5.15 -1.31
CA PHE A 34 -4.20 3.97 -1.17
C PHE A 34 -3.42 2.87 -0.46
N ASP A 35 -3.96 2.40 0.66
CA ASP A 35 -3.20 1.59 1.62
C ASP A 35 -3.99 0.33 1.93
N THR A 36 -3.65 -0.77 1.26
CA THR A 36 -4.30 -2.05 1.55
C THR A 36 -3.88 -2.67 2.88
N GLY A 37 -3.03 -2.00 3.66
CA GLY A 37 -2.67 -2.42 5.00
C GLY A 37 -3.33 -1.63 6.11
N SER A 38 -4.28 -0.74 5.82
CA SER A 38 -5.02 -0.05 6.88
C SER A 38 -6.42 0.22 6.38
N SER A 39 -7.26 0.77 7.26
CA SER A 39 -8.70 0.80 6.99
C SER A 39 -9.36 2.11 7.33
N ASP A 40 -8.58 3.20 7.39
CA ASP A 40 -9.10 4.54 7.63
C ASP A 40 -8.87 5.39 6.39
N LEU A 41 -9.88 6.16 6.01
CA LEU A 41 -9.76 7.19 4.98
C LEU A 41 -9.64 8.49 5.75
N TRP A 42 -8.44 9.05 5.84
CA TRP A 42 -8.23 10.28 6.57
C TRP A 42 -7.53 11.28 5.69
N VAL A 43 -7.76 12.56 5.97
CA VAL A 43 -7.28 13.65 5.14
C VAL A 43 -6.75 14.81 5.98
N PHE A 44 -5.74 15.47 5.43
CA PHE A 44 -5.42 16.82 5.85
C PHE A 44 -6.64 17.70 5.63
N SER A 45 -6.87 18.63 6.53
CA SER A 45 -8.14 19.36 6.50
C SER A 45 -7.96 20.78 7.04
N SER A 46 -9.04 21.54 6.94
CA SER A 46 -9.11 22.86 7.55
C SER A 46 -9.02 22.80 9.07
N GLU A 47 -9.17 21.61 9.66
CA GLU A 47 -9.05 21.41 11.09
C GLU A 47 -7.64 21.01 11.51
N THR A 48 -6.75 20.72 10.57
CA THR A 48 -5.42 20.26 10.94
C THR A 48 -4.62 21.42 11.52
N THR A 49 -3.98 21.19 12.67
CA THR A 49 -3.09 22.17 13.29
C THR A 49 -2.22 22.83 12.24
N ALA A 50 -2.28 24.16 12.18
CA ALA A 50 -1.68 24.89 11.05
C ALA A 50 -0.19 24.59 10.92
N SER A 51 0.53 24.50 12.03
CA SER A 51 1.96 24.26 11.98
C SER A 51 2.31 22.87 11.48
N GLU A 52 1.33 21.99 11.33
CA GLU A 52 1.55 20.63 10.86
C GLU A 52 1.14 20.44 9.41
N VAL A 53 0.74 21.51 8.73
CA VAL A 53 0.43 21.50 7.31
C VAL A 53 1.54 22.24 6.59
N ASP A 54 2.14 21.59 5.58
CA ASP A 54 3.24 22.18 4.82
C ASP A 54 3.11 21.75 3.36
N GLY A 55 2.18 22.36 2.64
CA GLY A 55 2.04 22.16 1.21
C GLY A 55 0.95 21.20 0.79
N GLN A 56 0.35 20.46 1.72
CA GLN A 56 -0.71 19.54 1.37
C GLN A 56 -1.97 20.30 0.96
N THR A 57 -2.76 19.67 0.10
CA THR A 57 -4.11 20.13 -0.18
C THR A 57 -5.03 19.65 0.94
N ILE A 58 -5.88 20.54 1.41
CA ILE A 58 -6.74 20.24 2.56
C ILE A 58 -8.19 20.11 2.11
N TYR A 59 -8.90 19.24 2.83
CA TYR A 59 -10.35 19.14 2.75
C TYR A 59 -10.98 20.13 3.72
N THR A 60 -11.93 20.92 3.22
CA THR A 60 -12.64 21.90 4.05
C THR A 60 -14.11 21.49 4.09
N PRO A 61 -14.55 20.80 5.14
CA PRO A 61 -15.94 20.32 5.13
C PRO A 61 -16.96 21.44 5.08
N SER A 62 -16.64 22.61 5.62
CA SER A 62 -17.61 23.70 5.61
C SER A 62 -17.92 24.18 4.21
N LYS A 63 -17.08 23.87 3.23
CA LYS A 63 -17.31 24.24 1.84
C LYS A 63 -18.03 23.16 1.04
N SER A 64 -18.37 22.04 1.68
CA SER A 64 -19.05 20.94 1.01
C SER A 64 -20.50 20.88 1.47
N THR A 65 -21.42 21.00 0.51
CA THR A 65 -22.83 21.00 0.85
C THR A 65 -23.33 19.62 1.27
N THR A 66 -22.56 18.56 1.02
CA THR A 66 -22.94 17.21 1.39
C THR A 66 -22.22 16.71 2.63
N ALA A 67 -21.31 17.49 3.20
CA ALA A 67 -20.61 17.09 4.41
C ALA A 67 -21.54 17.17 5.62
N LYS A 68 -21.42 16.18 6.50
CA LYS A 68 -22.14 16.19 7.76
C LYS A 68 -21.22 15.69 8.86
N LEU A 69 -21.13 16.42 9.96
CA LEU A 69 -20.36 15.93 11.10
C LEU A 69 -20.94 14.60 11.55
N LEU A 70 -20.07 13.62 11.78
CA LEU A 70 -20.48 12.37 12.41
C LEU A 70 -20.30 12.61 13.90
N SER A 71 -21.40 13.01 14.54
CA SER A 71 -21.32 13.60 15.87
CA SER A 71 -21.32 13.60 15.87
C SER A 71 -20.75 12.62 16.88
N GLY A 72 -19.73 13.07 17.63
CA GLY A 72 -19.12 12.27 18.67
C GLY A 72 -18.03 11.35 18.20
N ALA A 73 -17.85 11.20 16.91
CA ALA A 73 -16.89 10.22 16.41
C ALA A 73 -15.49 10.81 16.38
N THR A 74 -14.51 10.04 16.86
CA THR A 74 -13.11 10.41 16.79
C THR A 74 -12.33 9.24 16.23
N TRP A 75 -11.09 9.51 15.84
CA TRP A 75 -10.22 8.47 15.28
C TRP A 75 -8.79 8.79 15.65
N SER A 76 -7.97 7.74 15.70
CA SER A 76 -6.57 7.88 16.05
C SER A 76 -5.87 6.62 15.58
N ILE A 77 -4.81 6.80 14.79
CA ILE A 77 -4.13 5.67 14.19
C ILE A 77 -2.62 5.86 14.27
N SER A 78 -1.91 4.75 14.42
N SER A 78 -1.92 4.75 14.41
CA SER A 78 -0.46 4.72 14.41
CA SER A 78 -0.47 4.71 14.40
C SER A 78 -0.04 3.64 13.43
C SER A 78 -0.05 3.64 13.42
N TYR A 79 0.98 3.92 12.64
CA TYR A 79 1.43 3.01 11.60
C TYR A 79 2.78 2.40 11.98
N GLY A 80 3.21 1.43 11.18
CA GLY A 80 4.41 0.67 11.48
C GLY A 80 5.69 1.49 11.45
N ASP A 81 5.71 2.59 10.72
CA ASP A 81 6.87 3.47 10.69
C ASP A 81 6.89 4.44 11.86
N GLY A 82 5.96 4.32 12.80
CA GLY A 82 5.91 5.19 13.92
C GLY A 82 5.14 6.48 13.69
N SER A 83 4.62 6.68 12.50
CA SER A 83 3.83 7.87 12.20
C SER A 83 2.42 7.70 12.74
N SER A 84 1.70 8.83 12.83
CA SER A 84 0.39 8.79 13.45
C SER A 84 -0.42 10.00 13.03
N SER A 85 -1.73 9.91 13.25
CA SER A 85 -2.64 11.02 13.01
C SER A 85 -3.94 10.75 13.76
N SER A 86 -4.74 11.80 13.97
CA SER A 86 -5.98 11.67 14.71
C SER A 86 -6.86 12.88 14.44
N GLY A 87 -8.15 12.73 14.76
CA GLY A 87 -9.08 13.85 14.57
C GLY A 87 -10.53 13.44 14.77
N ASP A 88 -11.41 14.12 14.05
CA ASP A 88 -12.86 13.86 14.10
C ASP A 88 -13.31 13.39 12.71
N VAL A 89 -14.63 13.26 12.52
CA VAL A 89 -15.14 12.54 11.36
C VAL A 89 -16.33 13.26 10.76
N TYR A 90 -16.36 13.31 9.44
CA TYR A 90 -17.49 13.77 8.65
C TYR A 90 -17.93 12.61 7.77
N THR A 91 -19.20 12.62 7.37
CA THR A 91 -19.58 11.83 6.20
C THR A 91 -19.72 12.74 5.01
N ASP A 92 -19.36 12.21 3.84
CA ASP A 92 -19.45 13.01 2.62
C ASP A 92 -19.42 12.07 1.43
N THR A 93 -19.64 12.64 0.26
CA THR A 93 -19.57 11.91 -0.99
C THR A 93 -18.13 11.81 -1.45
N VAL A 94 -17.70 10.60 -1.77
CA VAL A 94 -16.31 10.33 -2.17
C VAL A 94 -16.35 9.57 -3.48
N SER A 95 -15.57 10.05 -4.46
CA SER A 95 -15.49 9.37 -5.75
C SER A 95 -14.04 9.06 -6.09
N VAL A 96 -13.84 7.88 -6.64
CA VAL A 96 -12.53 7.42 -7.11
C VAL A 96 -12.71 6.96 -8.54
N GLY A 97 -12.08 7.65 -9.48
CA GLY A 97 -12.06 7.15 -10.84
C GLY A 97 -13.45 6.95 -11.41
N GLY A 98 -14.41 7.80 -11.05
CA GLY A 98 -15.76 7.69 -11.55
C GLY A 98 -16.72 6.86 -10.69
N LEU A 99 -16.23 6.18 -9.66
CA LEU A 99 -17.06 5.39 -8.76
C LEU A 99 -17.37 6.23 -7.53
N THR A 100 -18.65 6.40 -7.23
CA THR A 100 -19.08 7.29 -6.16
C THR A 100 -19.70 6.51 -5.00
N VAL A 101 -19.28 6.85 -3.79
CA VAL A 101 -19.90 6.38 -2.55
C VAL A 101 -20.47 7.58 -1.82
N THR A 102 -21.75 7.53 -1.49
CA THR A 102 -22.33 8.54 -0.62
C THR A 102 -22.23 8.09 0.84
N GLY A 103 -22.12 9.05 1.74
CA GLY A 103 -22.07 8.74 3.15
C GLY A 103 -20.79 8.08 3.62
N GLN A 104 -19.69 8.24 2.88
CA GLN A 104 -18.41 7.69 3.29
C GLN A 104 -17.87 8.45 4.49
N ALA A 105 -17.34 7.72 5.48
CA ALA A 105 -16.63 8.38 6.58
C ALA A 105 -15.32 8.95 6.08
N VAL A 106 -15.18 10.27 6.20
CA VAL A 106 -13.98 11.02 5.87
C VAL A 106 -13.41 11.52 7.19
N GLU A 107 -12.27 10.99 7.57
CA GLU A 107 -11.68 11.25 8.88
C GLU A 107 -10.78 12.48 8.74
N SER A 108 -11.16 13.57 9.40
CA SER A 108 -10.48 14.85 9.27
C SER A 108 -9.39 14.94 10.34
N ALA A 109 -8.15 15.15 9.91
CA ALA A 109 -7.06 15.18 10.86
C ALA A 109 -7.05 16.51 11.61
N LYS A 110 -7.01 16.42 12.92
CA LYS A 110 -6.65 17.56 13.75
C LYS A 110 -5.16 17.58 14.03
N LYS A 111 -4.52 16.42 14.08
CA LYS A 111 -3.11 16.29 14.36
C LYS A 111 -2.52 15.25 13.41
N VAL A 112 -1.32 15.52 12.92
CA VAL A 112 -0.53 14.55 12.16
C VAL A 112 0.90 14.60 12.67
N SER A 113 1.60 13.47 12.59
CA SER A 113 2.99 13.44 13.02
C SER A 113 3.90 14.00 11.94
N SER A 114 5.17 14.19 12.31
CA SER A 114 6.09 14.97 11.49
C SER A 114 6.30 14.36 10.10
N SER A 115 6.31 13.03 9.99
CA SER A 115 6.57 12.44 8.68
C SER A 115 5.46 12.76 7.69
N PHE A 116 4.22 12.92 8.16
CA PHE A 116 3.15 13.34 7.27
C PHE A 116 3.30 14.81 6.88
N THR A 117 3.58 15.67 7.86
CA THR A 117 3.80 17.08 7.54
C THR A 117 4.88 17.25 6.50
N GLU A 118 5.96 16.49 6.65
CA GLU A 118 7.14 16.65 5.82
C GLU A 118 6.96 16.13 4.41
N ASP A 119 5.89 15.38 4.15
CA ASP A 119 5.61 14.85 2.82
C ASP A 119 4.48 15.66 2.21
N SER A 120 4.84 16.68 1.43
CA SER A 120 3.85 17.60 0.89
C SER A 120 3.01 16.96 -0.21
N THR A 121 3.41 15.80 -0.73
CA THR A 121 2.73 15.17 -1.86
C THR A 121 1.56 14.29 -1.45
N ILE A 122 1.43 13.93 -0.19
CA ILE A 122 0.39 13.02 0.29
C ILE A 122 -0.60 13.79 1.14
N ASP A 123 -1.84 13.86 0.67
CA ASP A 123 -2.88 14.64 1.31
C ASP A 123 -3.70 13.82 2.31
N GLY A 124 -3.38 12.55 2.46
CA GLY A 124 -4.09 11.65 3.35
C GLY A 124 -3.97 10.23 2.82
N LEU A 125 -4.68 9.32 3.50
CA LEU A 125 -4.66 7.90 3.19
C LEU A 125 -6.07 7.42 2.89
N LEU A 126 -6.18 6.43 2.01
CA LEU A 126 -7.44 5.74 1.76
C LEU A 126 -7.22 4.27 2.05
N GLY A 127 -7.72 3.78 3.18
CA GLY A 127 -7.48 2.41 3.60
C GLY A 127 -8.34 1.43 2.84
N LEU A 128 -7.72 0.30 2.49
CA LEU A 128 -8.36 -0.76 1.71
C LEU A 128 -8.17 -2.14 2.34
N ALA A 129 -7.72 -2.21 3.60
CA ALA A 129 -7.76 -3.44 4.36
C ALA A 129 -9.18 -3.68 4.85
N PHE A 130 -9.38 -4.63 5.74
CA PHE A 130 -10.74 -4.98 6.16
C PHE A 130 -11.24 -3.98 7.21
N SER A 131 -12.56 -3.71 7.18
CA SER A 131 -13.10 -2.64 8.00
C SER A 131 -12.96 -2.90 9.49
N THR A 132 -12.71 -4.16 9.89
CA THR A 132 -12.47 -4.48 11.29
C THR A 132 -11.27 -3.71 11.88
N LEU A 133 -10.37 -3.19 11.04
CA LEU A 133 -9.24 -2.38 11.52
C LEU A 133 -9.55 -0.89 11.61
N ASN A 134 -10.73 -0.45 11.20
CA ASN A 134 -11.00 0.98 11.19
C ASN A 134 -11.01 1.51 12.62
N THR A 135 -10.41 2.68 12.84
CA THR A 135 -10.18 3.16 14.19
C THR A 135 -11.29 4.09 14.71
N VAL A 136 -12.34 4.36 13.95
CA VAL A 136 -13.32 5.34 14.41
C VAL A 136 -14.05 4.79 15.63
N SER A 137 -14.21 5.64 16.64
CA SER A 137 -14.87 5.33 17.88
C SER A 137 -15.91 6.40 18.16
N PRO A 138 -17.08 6.04 18.72
CA PRO A 138 -17.46 4.73 19.26
C PRO A 138 -18.11 3.83 18.23
N THR A 139 -18.33 4.31 17.00
CA THR A 139 -18.99 3.55 15.95
C THR A 139 -18.00 3.33 14.81
N GLN A 140 -17.50 2.11 14.69
CA GLN A 140 -16.52 1.80 13.66
C GLN A 140 -17.13 2.01 12.28
N GLN A 141 -16.31 2.50 11.35
CA GLN A 141 -16.76 2.86 10.02
C GLN A 141 -16.19 1.92 8.96
N LYS A 142 -16.87 1.88 7.82
CA LYS A 142 -16.49 1.03 6.70
C LYS A 142 -15.55 1.73 5.73
N THR A 143 -14.67 0.94 5.13
CA THR A 143 -13.81 1.45 4.08
C THR A 143 -14.61 1.83 2.83
N PHE A 144 -13.95 2.61 1.97
CA PHE A 144 -14.52 2.98 0.69
C PHE A 144 -14.91 1.74 -0.12
N PHE A 145 -14.04 0.72 -0.12
CA PHE A 145 -14.33 -0.49 -0.87
C PHE A 145 -15.52 -1.23 -0.28
N ASP A 146 -15.56 -1.35 1.05
N ASP A 146 -15.58 -1.34 1.05
CA ASP A 146 -16.69 -2.00 1.70
CA ASP A 146 -16.71 -2.03 1.66
C ASP A 146 -18.00 -1.31 1.36
C ASP A 146 -18.01 -1.31 1.35
N ASN A 147 -18.01 0.03 1.39
CA ASN A 147 -19.21 0.78 1.06
C ASN A 147 -19.60 0.61 -0.41
N ALA A 148 -18.62 0.57 -1.32
CA ALA A 148 -18.90 0.46 -2.74
C ALA A 148 -19.28 -0.95 -3.18
N LYS A 149 -18.92 -1.96 -2.38
CA LYS A 149 -18.87 -3.35 -2.85
C LYS A 149 -20.17 -3.81 -3.50
N ALA A 150 -21.30 -3.55 -2.84
CA ALA A 150 -22.56 -4.08 -3.34
C ALA A 150 -22.94 -3.48 -4.68
N SER A 151 -22.50 -2.25 -4.95
CA SER A 151 -22.82 -1.58 -6.20
C SER A 151 -21.90 -2.01 -7.34
N LEU A 152 -20.75 -2.59 -7.02
CA LEU A 152 -19.76 -2.91 -8.04
C LEU A 152 -20.22 -4.07 -8.91
N ASP A 153 -19.78 -4.08 -10.17
CA ASP A 153 -20.13 -5.19 -11.05
C ASP A 153 -19.62 -6.51 -10.50
N SER A 154 -18.45 -6.49 -9.89
CA SER A 154 -17.83 -7.64 -9.25
CA SER A 154 -17.85 -7.64 -9.24
C SER A 154 -17.18 -7.10 -7.98
N PRO A 155 -17.21 -7.84 -6.87
CA PRO A 155 -16.72 -7.32 -5.57
C PRO A 155 -15.22 -7.39 -5.41
N VAL A 156 -14.51 -6.63 -6.24
CA VAL A 156 -13.05 -6.73 -6.36
C VAL A 156 -12.48 -5.34 -6.58
N PHE A 157 -11.21 -5.19 -6.24
CA PHE A 157 -10.41 -4.09 -6.75
C PHE A 157 -9.05 -4.66 -7.14
N THR A 158 -8.35 -3.95 -8.04
CA THR A 158 -7.06 -4.41 -8.51
C THR A 158 -6.03 -3.30 -8.37
N ALA A 159 -4.81 -3.70 -8.05
CA ALA A 159 -3.66 -2.82 -7.98
C ALA A 159 -2.67 -3.20 -9.06
N ASP A 160 -2.31 -2.21 -9.87
CA ASP A 160 -1.37 -2.39 -10.97
C ASP A 160 -0.37 -1.25 -10.84
N LEU A 161 0.59 -1.40 -9.93
CA LEU A 161 1.54 -0.34 -9.64
C LEU A 161 2.68 -0.36 -10.64
N GLY A 162 3.14 0.82 -11.04
CA GLY A 162 4.22 0.93 -11.98
C GLY A 162 5.58 1.01 -11.31
N TYR A 163 6.61 0.56 -12.04
CA TYR A 163 8.00 0.77 -11.65
C TYR A 163 8.44 2.08 -12.29
N HIS A 164 8.72 3.07 -11.44
CA HIS A 164 9.13 4.40 -11.89
C HIS A 164 8.17 4.92 -12.97
N ALA A 165 6.88 4.68 -12.80
CA ALA A 165 5.89 5.02 -13.80
C ALA A 165 4.52 4.95 -13.15
N PRO A 166 3.53 5.63 -13.73
CA PRO A 166 2.16 5.52 -13.20
C PRO A 166 1.59 4.13 -13.43
N GLY A 167 0.54 3.84 -12.67
CA GLY A 167 -0.19 2.59 -12.75
C GLY A 167 -1.65 2.87 -12.49
N THR A 168 -2.41 1.83 -12.10
CA THR A 168 -3.86 1.91 -12.06
C THR A 168 -4.43 1.16 -10.86
N TYR A 169 -5.44 1.76 -10.23
CA TYR A 169 -6.36 1.08 -9.32
C TYR A 169 -7.72 1.00 -10.01
N ASN A 170 -8.21 -0.22 -10.19
CA ASN A 170 -9.56 -0.43 -10.72
C ASN A 170 -10.47 -1.02 -9.65
N PHE A 171 -11.74 -0.63 -9.69
CA PHE A 171 -12.75 -1.11 -8.78
C PHE A 171 -13.88 -1.73 -9.58
N GLY A 172 -14.21 -2.98 -9.26
CA GLY A 172 -15.40 -3.61 -9.80
C GLY A 172 -15.19 -4.44 -11.04
N PHE A 173 -13.98 -4.49 -11.59
CA PHE A 173 -13.73 -5.29 -12.78
C PHE A 173 -12.26 -5.63 -12.86
N ILE A 174 -11.98 -6.69 -13.61
CA ILE A 174 -10.61 -7.14 -13.89
C ILE A 174 -10.31 -6.82 -15.35
N ASP A 175 -9.30 -5.97 -15.57
CA ASP A 175 -8.90 -5.58 -16.91
C ASP A 175 -8.00 -6.69 -17.48
N THR A 176 -8.57 -7.52 -18.35
CA THR A 176 -7.84 -8.67 -18.86
C THR A 176 -6.74 -8.28 -19.83
N THR A 177 -6.64 -7.01 -20.21
CA THR A 177 -5.54 -6.54 -21.04
C THR A 177 -4.34 -6.07 -20.22
N ALA A 178 -4.46 -6.04 -18.90
CA ALA A 178 -3.44 -5.44 -18.04
C ALA A 178 -2.41 -6.43 -17.54
N TYR A 179 -2.52 -7.71 -17.89
CA TYR A 179 -1.58 -8.70 -17.39
C TYR A 179 -1.34 -9.74 -18.47
N THR A 180 -0.30 -10.54 -18.29
CA THR A 180 0.06 -11.61 -19.19
C THR A 180 -0.27 -12.95 -18.51
N GLY A 181 -0.48 -13.97 -19.32
CA GLY A 181 -0.76 -15.28 -18.75
C GLY A 181 -2.07 -15.30 -17.96
N SER A 182 -2.10 -16.11 -16.91
N SER A 182 -2.10 -16.11 -16.91
CA SER A 182 -3.28 -16.25 -16.07
CA SER A 182 -3.27 -16.27 -16.07
C SER A 182 -3.05 -15.69 -14.68
C SER A 182 -3.05 -15.59 -14.72
N ILE A 183 -4.15 -15.41 -13.99
CA ILE A 183 -4.11 -14.94 -12.61
C ILE A 183 -4.17 -16.17 -11.72
N THR A 184 -3.24 -16.29 -10.79
CA THR A 184 -3.26 -17.37 -9.81
C THR A 184 -3.83 -16.84 -8.51
N TYR A 185 -4.91 -17.44 -8.06
CA TYR A 185 -5.56 -17.02 -6.82
C TYR A 185 -5.10 -17.88 -5.65
N THR A 186 -5.07 -17.25 -4.48
CA THR A 186 -4.54 -17.85 -3.27
C THR A 186 -5.39 -17.40 -2.08
N ALA A 187 -5.44 -18.26 -1.06
CA ALA A 187 -6.34 -18.02 0.06
C ALA A 187 -5.88 -16.84 0.91
N VAL A 188 -6.86 -16.19 1.54
CA VAL A 188 -6.63 -15.05 2.42
C VAL A 188 -7.18 -15.36 3.80
N SER A 189 -6.44 -14.99 4.83
CA SER A 189 -6.97 -14.95 6.18
C SER A 189 -7.26 -13.51 6.55
N THR A 190 -8.46 -13.25 7.04
CA THR A 190 -8.82 -11.92 7.53
C THR A 190 -8.71 -11.79 9.03
N LYS A 191 -8.08 -12.77 9.70
CA LYS A 191 -8.09 -12.81 11.15
C LYS A 191 -7.39 -11.63 11.79
N GLN A 192 -6.40 -11.04 11.11
CA GLN A 192 -5.72 -9.86 11.60
C GLN A 192 -6.19 -8.59 10.91
N GLY A 193 -7.20 -8.68 10.06
CA GLY A 193 -7.72 -7.53 9.35
C GLY A 193 -7.00 -7.18 8.07
N PHE A 194 -6.00 -7.94 7.68
CA PHE A 194 -5.18 -7.68 6.50
C PHE A 194 -5.54 -8.63 5.37
N TRP A 195 -5.03 -8.31 4.18
CA TRP A 195 -5.02 -9.21 3.04
C TRP A 195 -3.81 -10.13 3.24
N GLU A 196 -3.98 -11.10 4.14
CA GLU A 196 -2.91 -11.98 4.59
C GLU A 196 -3.00 -13.29 3.83
N TRP A 197 -1.85 -13.74 3.32
CA TRP A 197 -1.79 -14.90 2.45
C TRP A 197 -0.46 -15.61 2.72
N THR A 198 -0.26 -16.76 2.07
CA THR A 198 0.95 -17.55 2.27
C THR A 198 1.63 -17.80 0.94
N SER A 199 2.79 -17.19 0.75
CA SER A 199 3.61 -17.46 -0.42
C SER A 199 4.21 -18.86 -0.29
N THR A 200 4.45 -19.48 -1.43
CA THR A 200 4.95 -20.85 -1.47
C THR A 200 6.47 -20.95 -1.57
N GLY A 201 7.19 -19.84 -1.66
CA GLY A 201 8.63 -19.89 -1.57
C GLY A 201 9.28 -18.76 -2.33
N TYR A 202 10.58 -18.94 -2.58
CA TYR A 202 11.33 -17.88 -3.22
C TYR A 202 12.54 -18.42 -3.96
N ALA A 203 13.07 -17.58 -4.85
CA ALA A 203 14.37 -17.80 -5.47
C ALA A 203 15.10 -16.48 -5.53
N VAL A 204 16.43 -16.58 -5.51
CA VAL A 204 17.32 -15.41 -5.65
C VAL A 204 17.98 -15.51 -7.03
N GLY A 205 17.79 -14.50 -7.86
CA GLY A 205 18.40 -14.50 -9.17
C GLY A 205 18.01 -15.74 -9.94
N SER A 206 19.01 -16.37 -10.57
CA SER A 206 18.81 -17.59 -11.35
CA SER A 206 18.81 -17.58 -11.35
C SER A 206 18.89 -18.84 -10.49
N GLY A 207 18.92 -18.69 -9.17
CA GLY A 207 19.04 -19.83 -8.29
C GLY A 207 17.79 -20.68 -8.24
N THR A 208 17.95 -21.85 -7.60
CA THR A 208 16.85 -22.78 -7.49
C THR A 208 15.78 -22.25 -6.55
N PHE A 209 14.54 -22.60 -6.84
CA PHE A 209 13.42 -22.16 -6.03
C PHE A 209 13.38 -22.97 -4.75
N LYS A 210 13.24 -22.28 -3.63
CA LYS A 210 13.12 -22.87 -2.31
C LYS A 210 11.65 -22.91 -1.92
N SER A 211 11.10 -24.11 -1.77
CA SER A 211 9.72 -24.28 -1.38
C SER A 211 9.62 -24.10 0.13
N THR A 212 8.91 -23.07 0.56
CA THR A 212 8.76 -22.78 1.98
C THR A 212 7.60 -21.82 2.11
N SER A 213 6.78 -22.02 3.14
CA SER A 213 5.61 -21.18 3.35
C SER A 213 6.00 -19.88 4.03
N ILE A 214 5.61 -18.76 3.43
CA ILE A 214 5.88 -17.44 3.98
C ILE A 214 4.56 -16.69 4.11
N ASP A 215 4.05 -16.61 5.33
CA ASP A 215 2.83 -15.87 5.61
CA ASP A 215 2.83 -15.87 5.60
C ASP A 215 3.12 -14.38 5.61
N GLY A 216 2.32 -13.60 4.90
CA GLY A 216 2.55 -12.16 4.91
C GLY A 216 1.33 -11.44 4.37
N ILE A 217 1.44 -10.11 4.28
CA ILE A 217 0.30 -9.30 3.86
C ILE A 217 0.62 -8.57 2.57
N ALA A 218 -0.40 -8.39 1.73
CA ALA A 218 -0.29 -7.58 0.53
C ALA A 218 -0.61 -6.15 0.92
N ASP A 219 0.39 -5.28 0.93
CA ASP A 219 0.27 -3.95 1.53
C ASP A 219 0.79 -2.86 0.58
N THR A 220 -0.13 -2.24 -0.15
CA THR A 220 0.26 -1.16 -1.07
C THR A 220 0.81 0.05 -0.34
N GLY A 221 0.52 0.19 0.96
CA GLY A 221 0.98 1.31 1.73
C GLY A 221 2.34 1.15 2.34
N THR A 222 3.00 0.03 2.11
CA THR A 222 4.38 -0.18 2.54
C THR A 222 5.28 -0.16 1.31
N THR A 223 6.38 0.58 1.38
CA THR A 223 7.23 0.75 0.20
C THR A 223 7.97 -0.53 -0.17
N LEU A 224 8.57 -1.19 0.82
CA LEU A 224 9.56 -2.24 0.59
C LEU A 224 8.96 -3.63 0.82
N LEU A 225 9.79 -4.63 0.55
CA LEU A 225 9.46 -6.03 0.76
C LEU A 225 10.15 -6.50 2.03
N TYR A 226 9.37 -6.87 3.04
CA TYR A 226 9.90 -7.28 4.35
C TYR A 226 9.64 -8.77 4.54
N LEU A 227 10.72 -9.55 4.67
CA LEU A 227 10.64 -11.00 4.72
C LEU A 227 11.51 -11.54 5.84
N PRO A 228 11.39 -12.83 6.17
CA PRO A 228 12.17 -13.35 7.29
C PRO A 228 13.67 -13.18 7.06
N ALA A 229 14.39 -13.04 8.16
CA ALA A 229 15.82 -12.75 8.10
C ALA A 229 16.59 -13.80 7.30
N THR A 230 16.19 -15.06 7.37
CA THR A 230 16.86 -16.11 6.59
C THR A 230 16.79 -15.82 5.11
N VAL A 231 15.59 -15.48 4.63
CA VAL A 231 15.36 -15.20 3.21
C VAL A 231 16.15 -13.97 2.79
N VAL A 232 16.10 -12.93 3.60
CA VAL A 232 16.75 -11.67 3.25
C VAL A 232 18.26 -11.84 3.22
N SER A 233 18.81 -12.59 4.18
CA SER A 233 20.25 -12.86 4.18
C SER A 233 20.66 -13.62 2.92
N ALA A 234 19.86 -14.59 2.50
CA ALA A 234 20.17 -15.35 1.29
C ALA A 234 20.18 -14.46 0.06
N TYR A 235 19.28 -13.46 0.01
CA TYR A 235 19.29 -12.53 -1.11
C TYR A 235 20.56 -11.68 -1.11
N TRP A 236 20.84 -10.98 -0.01
CA TRP A 236 21.94 -10.01 0.01
C TRP A 236 23.30 -10.69 -0.03
N ALA A 237 23.38 -11.97 0.33
CA ALA A 237 24.62 -12.70 0.16
C ALA A 237 25.07 -12.79 -1.29
N GLN A 238 24.15 -12.58 -2.23
CA GLN A 238 24.49 -12.64 -3.65
C GLN A 238 24.95 -11.29 -4.19
N VAL A 239 25.09 -10.28 -3.35
CA VAL A 239 25.49 -8.93 -3.75
C VAL A 239 26.80 -8.61 -3.04
N SER A 240 27.89 -8.50 -3.82
CA SER A 240 29.21 -8.24 -3.22
CA SER A 240 29.20 -8.25 -3.22
C SER A 240 29.18 -6.93 -2.45
N GLY A 241 29.60 -6.98 -1.21
CA GLY A 241 29.71 -5.81 -0.37
C GLY A 241 28.43 -5.42 0.35
N ALA A 242 27.33 -6.15 0.15
CA ALA A 242 26.11 -5.81 0.85
C ALA A 242 26.23 -6.23 2.31
N LYS A 243 25.58 -5.45 3.18
CA LYS A 243 25.66 -5.70 4.61
C LYS A 243 24.45 -5.08 5.28
N SER A 244 24.13 -5.60 6.45
CA SER A 244 23.10 -4.98 7.28
C SER A 244 23.76 -3.94 8.18
N SER A 245 23.27 -2.71 8.09
CA SER A 245 23.81 -1.59 8.85
C SER A 245 22.82 -1.18 9.92
N SER A 246 23.21 -1.34 11.19
CA SER A 246 22.34 -0.87 12.26
C SER A 246 22.21 0.65 12.25
N SER A 247 23.28 1.36 11.87
CA SER A 247 23.20 2.82 11.88
C SER A 247 22.27 3.34 10.80
N VAL A 248 22.21 2.66 9.65
CA VAL A 248 21.31 3.10 8.60
C VAL A 248 19.90 2.55 8.80
N GLY A 249 19.77 1.35 9.37
CA GLY A 249 18.48 0.75 9.61
C GLY A 249 18.09 -0.35 8.66
N GLY A 250 19.06 -1.04 8.06
CA GLY A 250 18.76 -2.17 7.21
C GLY A 250 19.92 -2.48 6.29
N TYR A 251 19.65 -3.36 5.35
CA TYR A 251 20.64 -3.74 4.37
C TYR A 251 20.93 -2.59 3.40
N VAL A 252 22.22 -2.39 3.20
CA VAL A 252 22.76 -1.45 2.22
C VAL A 252 23.69 -2.22 1.29
N PHE A 253 23.95 -1.64 0.14
CA PHE A 253 24.80 -2.31 -0.84
C PHE A 253 25.52 -1.26 -1.66
N PRO A 254 26.66 -1.63 -2.26
CA PRO A 254 27.40 -0.66 -3.08
C PRO A 254 26.54 -0.20 -4.25
N CYS A 255 26.47 1.12 -4.44
CA CYS A 255 25.65 1.61 -5.54
C CYS A 255 26.18 1.15 -6.90
N SER A 256 27.43 0.72 -6.98
CA SER A 256 27.99 0.17 -8.21
C SER A 256 27.50 -1.23 -8.54
N ALA A 257 26.73 -1.87 -7.67
CA ALA A 257 26.31 -3.24 -7.89
C ALA A 257 25.20 -3.33 -8.91
N THR A 258 25.12 -4.50 -9.56
CA THR A 258 23.95 -4.91 -10.33
C THR A 258 23.21 -5.95 -9.49
N LEU A 259 21.94 -5.65 -9.13
CA LEU A 259 21.22 -6.49 -8.19
C LEU A 259 20.59 -7.68 -8.91
N PRO A 260 20.56 -8.84 -8.27
CA PRO A 260 19.81 -9.98 -8.81
C PRO A 260 18.31 -9.78 -8.60
N SER A 261 17.55 -10.49 -9.43
CA SER A 261 16.11 -10.54 -9.27
C SER A 261 15.75 -11.33 -8.01
N PHE A 262 14.49 -11.24 -7.61
CA PHE A 262 13.95 -12.03 -6.52
C PHE A 262 12.60 -12.56 -6.97
N THR A 263 12.40 -13.86 -6.85
CA THR A 263 11.15 -14.50 -7.24
C THR A 263 10.40 -14.94 -5.99
N PHE A 264 9.09 -14.70 -5.96
CA PHE A 264 8.23 -15.26 -4.91
C PHE A 264 7.14 -16.13 -5.52
N GLY A 265 6.74 -17.15 -4.77
CA GLY A 265 5.74 -18.09 -5.25
C GLY A 265 4.33 -17.70 -4.84
N VAL A 266 3.40 -17.90 -5.77
CA VAL A 266 1.97 -17.79 -5.54
C VAL A 266 1.39 -19.11 -6.01
N GLY A 267 1.07 -20.00 -5.08
CA GLY A 267 0.76 -21.35 -5.47
C GLY A 267 1.87 -21.92 -6.32
N SER A 268 1.52 -22.53 -7.45
CA SER A 268 2.54 -23.06 -8.35
CA SER A 268 2.51 -23.07 -8.37
C SER A 268 3.11 -21.99 -9.28
N ALA A 269 2.61 -20.77 -9.23
CA ALA A 269 3.06 -19.71 -10.10
C ALA A 269 4.20 -18.93 -9.44
N ARG A 270 4.84 -18.07 -10.23
CA ARG A 270 6.03 -17.36 -9.78
C ARG A 270 5.95 -15.92 -10.27
N ILE A 271 6.23 -14.98 -9.38
CA ILE A 271 6.33 -13.57 -9.71
C ILE A 271 7.79 -13.16 -9.56
N VAL A 272 8.36 -12.56 -10.61
CA VAL A 272 9.77 -12.18 -10.64
C VAL A 272 9.89 -10.69 -10.46
N ILE A 273 10.57 -10.28 -9.39
CA ILE A 273 10.89 -8.88 -9.13
C ILE A 273 12.25 -8.61 -9.76
N PRO A 274 12.34 -7.77 -10.79
CA PRO A 274 13.66 -7.48 -11.38
C PRO A 274 14.57 -6.80 -10.36
N GLY A 275 15.87 -7.04 -10.51
CA GLY A 275 16.82 -6.48 -9.58
C GLY A 275 16.72 -4.96 -9.44
N ASP A 276 16.44 -4.26 -10.55
CA ASP A 276 16.39 -2.80 -10.46
C ASP A 276 15.28 -2.32 -9.51
N TYR A 277 14.22 -3.11 -9.33
CA TYR A 277 13.14 -2.70 -8.44
C TYR A 277 13.59 -2.69 -6.98
N ILE A 278 14.72 -3.33 -6.66
CA ILE A 278 15.22 -3.49 -5.31
C ILE A 278 16.22 -2.38 -4.95
N ASP A 279 16.50 -1.47 -5.87
CA ASP A 279 17.44 -0.38 -5.64
C ASP A 279 16.68 0.86 -5.16
N PHE A 280 16.93 1.27 -3.92
CA PHE A 280 16.32 2.48 -3.36
C PHE A 280 17.31 3.63 -3.24
N GLY A 281 18.43 3.55 -3.94
CA GLY A 281 19.27 4.70 -4.14
C GLY A 281 20.13 5.04 -2.95
N PRO A 282 20.94 6.07 -3.11
CA PRO A 282 21.89 6.44 -2.06
C PRO A 282 21.21 6.69 -0.72
N ILE A 283 21.89 6.27 0.35
CA ILE A 283 21.31 6.44 1.69
C ILE A 283 21.20 7.90 2.05
N SER A 284 22.08 8.73 1.53
CA SER A 284 22.06 10.18 1.65
C SER A 284 22.61 10.72 0.34
N THR A 285 22.28 11.97 0.03
CA THR A 285 22.70 12.52 -1.24
C THR A 285 24.21 12.39 -1.43
N GLY A 286 24.60 11.83 -2.58
CA GLY A 286 25.99 11.70 -2.93
C GLY A 286 26.70 10.48 -2.40
N SER A 287 26.03 9.69 -1.55
CA SER A 287 26.65 8.51 -0.99
C SER A 287 26.78 7.42 -2.04
N SER A 288 27.82 6.61 -1.93
CA SER A 288 27.93 5.42 -2.75
C SER A 288 27.38 4.17 -2.06
N SER A 289 26.74 4.32 -0.91
CA SER A 289 26.01 3.24 -0.28
CA SER A 289 26.01 3.24 -0.27
C SER A 289 24.54 3.42 -0.61
N CYS A 290 23.93 2.36 -1.14
CA CYS A 290 22.54 2.39 -1.58
C CYS A 290 21.67 1.55 -0.66
N PHE A 291 20.41 1.95 -0.50
CA PHE A 291 19.50 1.25 0.41
C PHE A 291 18.76 0.14 -0.33
N GLY A 292 18.69 -1.03 0.31
CA GLY A 292 18.03 -2.16 -0.32
C GLY A 292 16.51 -2.15 -0.19
N GLY A 293 15.87 -2.72 -1.21
CA GLY A 293 14.43 -2.79 -1.23
C GLY A 293 13.82 -4.05 -0.65
N ILE A 294 14.67 -4.99 -0.24
CA ILE A 294 14.29 -6.20 0.49
C ILE A 294 14.95 -6.09 1.86
N GLN A 295 14.13 -6.14 2.92
CA GLN A 295 14.61 -5.93 4.27
C GLN A 295 14.00 -6.98 5.17
N SER A 296 14.63 -7.17 6.34
CA SER A 296 14.12 -8.14 7.29
C SER A 296 12.84 -7.64 7.96
N SER A 297 11.91 -8.57 8.14
CA SER A 297 10.69 -8.33 8.91
C SER A 297 10.85 -8.61 10.39
N ALA A 298 12.04 -9.06 10.83
N ALA A 298 12.07 -8.94 10.85
CA ALA A 298 12.26 -9.34 12.23
CA ALA A 298 12.24 -9.44 12.20
C ALA A 298 12.19 -8.03 13.00
C ALA A 298 11.68 -8.48 13.25
N GLY A 299 11.31 -7.96 14.00
N GLY A 299 11.88 -7.18 13.08
CA GLY A 299 11.03 -6.73 14.69
CA GLY A 299 11.41 -6.25 14.10
C GLY A 299 9.72 -6.10 14.27
C GLY A 299 9.94 -5.89 14.05
N ILE A 300 9.21 -6.43 13.08
CA ILE A 300 7.88 -5.95 12.71
C ILE A 300 6.79 -6.86 13.25
N GLY A 301 7.03 -8.17 13.29
CA GLY A 301 6.01 -9.12 13.70
C GLY A 301 5.17 -9.67 12.57
N ILE A 302 5.41 -9.23 11.33
CA ILE A 302 4.67 -9.73 10.18
C ILE A 302 5.52 -9.50 8.93
N ASN A 303 5.42 -10.42 7.98
CA ASN A 303 6.04 -10.22 6.68
C ASN A 303 5.13 -9.35 5.82
N ILE A 304 5.74 -8.49 5.01
CA ILE A 304 4.98 -7.48 4.26
C ILE A 304 5.40 -7.52 2.80
N PHE A 305 4.49 -7.94 1.94
CA PHE A 305 4.65 -7.80 0.49
C PHE A 305 4.19 -6.40 0.13
N GLY A 306 5.12 -5.45 0.25
CA GLY A 306 4.87 -4.07 -0.09
C GLY A 306 5.10 -3.79 -1.57
N ASP A 307 5.25 -2.49 -1.88
CA ASP A 307 5.22 -2.05 -3.27
C ASP A 307 6.29 -2.74 -4.12
N VAL A 308 7.49 -2.96 -3.55
CA VAL A 308 8.56 -3.63 -4.29
C VAL A 308 8.07 -4.95 -4.90
N ALA A 309 7.31 -5.71 -4.14
CA ALA A 309 6.76 -6.97 -4.63
C ALA A 309 5.53 -6.73 -5.50
N LEU A 310 4.58 -5.92 -5.00
CA LEU A 310 3.31 -5.80 -5.71
C LEU A 310 3.47 -5.17 -7.07
N LYS A 311 4.42 -4.24 -7.26
CA LYS A 311 4.56 -3.58 -8.55
CA LYS A 311 4.53 -3.59 -8.55
C LYS A 311 5.08 -4.51 -9.64
N ALA A 312 5.61 -5.68 -9.27
CA ALA A 312 5.99 -6.68 -10.26
C ALA A 312 4.80 -7.50 -10.76
N ALA A 313 3.60 -7.25 -10.25
CA ALA A 313 2.43 -8.08 -10.54
C ALA A 313 1.20 -7.21 -10.80
N PHE A 314 0.21 -7.84 -11.45
CA PHE A 314 -1.16 -7.38 -11.45
C PHE A 314 -1.85 -8.11 -10.31
N VAL A 315 -2.37 -7.37 -9.35
CA VAL A 315 -2.86 -7.95 -8.09
C VAL A 315 -4.36 -7.74 -7.95
N VAL A 316 -5.10 -8.83 -7.74
CA VAL A 316 -6.54 -8.80 -7.52
C VAL A 316 -6.83 -8.97 -6.04
N PHE A 317 -7.55 -8.00 -5.48
CA PHE A 317 -8.08 -8.05 -4.13
C PHE A 317 -9.54 -8.44 -4.26
N ASN A 318 -9.82 -9.72 -4.06
CA ASN A 318 -11.16 -10.26 -4.28
C ASN A 318 -11.90 -10.24 -2.96
N GLY A 319 -12.90 -9.35 -2.88
CA GLY A 319 -13.71 -9.16 -1.69
C GLY A 319 -15.02 -9.92 -1.67
N ALA A 320 -15.05 -11.06 -2.37
CA ALA A 320 -16.19 -11.95 -2.25
C ALA A 320 -16.33 -12.44 -0.81
N THR A 321 -17.46 -13.15 -0.55
CA THR A 321 -17.78 -13.59 0.80
C THR A 321 -16.60 -14.29 1.45
N THR A 322 -15.90 -15.13 0.69
CA THR A 322 -14.61 -15.66 1.10
C THR A 322 -13.55 -14.91 0.30
N PRO A 323 -12.83 -13.97 0.89
CA PRO A 323 -11.85 -13.21 0.11
C PRO A 323 -10.68 -14.05 -0.34
N THR A 324 -10.09 -13.66 -1.48
CA THR A 324 -8.87 -14.26 -1.98
C THR A 324 -8.03 -13.17 -2.62
N LEU A 325 -6.76 -13.49 -2.86
N LEU A 325 -6.81 -13.54 -3.01
CA LEU A 325 -5.86 -12.63 -3.62
CA LEU A 325 -5.83 -12.63 -3.59
C LEU A 325 -5.51 -13.34 -4.92
C LEU A 325 -5.27 -13.27 -4.84
N GLY A 326 -5.34 -12.55 -5.97
CA GLY A 326 -4.84 -13.06 -7.25
C GLY A 326 -3.60 -12.31 -7.70
N PHE A 327 -2.65 -13.04 -8.26
CA PHE A 327 -1.44 -12.45 -8.81
C PHE A 327 -1.23 -12.92 -10.23
N ALA A 328 -0.92 -11.98 -11.12
CA ALA A 328 -0.48 -12.29 -12.48
C ALA A 328 0.79 -11.51 -12.79
N SER A 329 1.60 -12.09 -13.68
CA SER A 329 2.69 -11.34 -14.26
C SER A 329 2.14 -10.32 -15.24
N LYS A 330 2.98 -9.36 -15.62
CA LYS A 330 2.52 -8.29 -16.50
C LYS A 330 3.67 -7.72 -17.32
N1 A1CDX B . 0.36 0.06 5.51
C4 A1CDX B . 1.43 -1.73 7.94
C5 A1CDX B . 0.36 -2.80 8.30
C6 A1CDX B . 1.06 -3.98 8.97
C7 A1CDX B . 2.43 -3.46 9.37
C8 A1CDX B . 2.54 -1.94 9.02
C2 A1CDX B . -0.17 0.03 6.91
C3 A1CDX B . 0.94 -0.26 7.95
F10 A1CDX B . 2.35 -1.13 10.09
F9 A1CDX B . 3.75 -1.60 8.56
S DMS C . 7.42 -0.82 8.67
O DMS C . 6.79 -1.60 7.53
C1 DMS C . 7.24 0.92 8.24
C2 DMS C . 9.20 -0.88 8.46
H11 DMS C . 7.86 1.44 8.79
H12 DMS C . 6.34 1.22 8.41
H13 DMS C . 7.46 1.05 7.32
H21 DMS C . 9.64 -0.44 9.21
H22 DMS C . 9.44 -0.44 7.64
H23 DMS C . 9.50 -1.80 8.42
S DMS D . 7.34 10.55 12.58
O DMS D . 6.02 10.81 11.88
C1 DMS D . 7.05 10.72 14.35
C2 DMS D . 7.62 8.77 12.50
H11 DMS D . 6.29 11.30 14.50
H12 DMS D . 7.83 11.11 14.77
H13 DMS D . 6.87 9.85 14.74
H21 DMS D . 7.95 8.52 11.62
H22 DMS D . 6.79 8.30 12.67
H23 DMS D . 8.28 8.51 13.16
S DMS E . -7.78 -20.16 -3.70
O DMS E . -8.70 -20.16 -4.91
C1 DMS E . -8.83 -20.01 -2.26
C2 DMS E . -7.23 -21.86 -3.44
H11 DMS E . -9.69 -19.63 -2.52
H12 DMS E . -8.42 -19.42 -1.61
H13 DMS E . -8.97 -20.88 -1.86
H21 DMS E . -7.67 -22.45 -4.07
H22 DMS E . -7.45 -22.14 -2.54
H23 DMS E . -6.27 -21.92 -3.58
C1 GOL F . -2.42 -16.74 5.68
O1 GOL F . -2.48 -16.51 7.07
C2 GOL F . -2.97 -18.12 5.39
O2 GOL F . -3.86 -18.51 6.41
C3 GOL F . -3.70 -18.14 4.05
O3 GOL F . -4.42 -19.36 4.03
H11 GOL F . -2.94 -16.08 5.19
H12 GOL F . -1.51 -16.70 5.35
HO1 GOL F . -1.70 -16.25 7.32
H2 GOL F . -2.20 -18.72 5.34
HO2 GOL F . -4.60 -18.10 6.27
H31 GOL F . -4.28 -17.37 3.98
H32 GOL F . -3.05 -18.09 3.33
HO3 GOL F . -5.04 -19.29 3.44
C1 GOL G . 25.97 -10.76 2.94
O1 GOL G . 26.47 -12.05 3.20
C2 GOL G . 24.79 -10.46 3.83
O2 GOL G . 24.01 -11.64 3.94
C3 GOL G . 25.21 -9.93 5.21
O3 GOL G . 26.61 -9.86 5.28
H11 GOL G . 26.66 -10.09 3.11
H12 GOL G . 25.70 -10.66 2.02
HO1 GOL G . 25.99 -12.61 2.77
H2 GOL G . 24.29 -9.74 3.42
HO2 GOL G . 24.14 -11.96 4.71
H31 GOL G . 24.80 -9.06 5.34
H32 GOL G . 24.85 -10.52 5.89
HO3 GOL G . 26.83 -9.05 5.40
S DMS H . -5.92 25.77 12.82
O DMS H . -4.58 25.41 13.41
C1 DMS H . -5.74 25.79 11.02
C2 DMS H . -6.95 24.29 12.89
H11 DMS H . -6.26 26.52 10.65
H12 DMS H . -6.05 24.95 10.66
H13 DMS H . -4.81 25.91 10.79
H21 DMS H . -7.11 24.05 13.82
H22 DMS H . -6.51 23.57 12.43
H23 DMS H . -7.80 24.47 12.46
C1 GOL I . 6.44 -8.64 -14.60
O1 GOL I . 5.56 -9.56 -13.96
C2 GOL I . 7.69 -8.43 -13.80
O2 GOL I . 8.44 -9.65 -13.76
C3 GOL I . 8.47 -7.26 -14.39
O3 GOL I . 8.97 -7.63 -15.65
H11 GOL I . 6.68 -8.97 -15.49
H12 GOL I . 6.01 -7.77 -14.73
HO1 GOL I . 5.98 -9.92 -13.32
H2 GOL I . 7.45 -8.20 -12.89
HO2 GOL I . 8.10 -10.17 -14.35
H31 GOL I . 7.89 -6.49 -14.44
H32 GOL I . 9.20 -7.02 -13.78
HO3 GOL I . 9.77 -7.89 -15.58
#